data_3ROZ
#
_entry.id   3ROZ
#
_cell.length_a   125.115
_cell.length_b   125.115
_cell.length_c   119.801
_cell.angle_alpha   90.000
_cell.angle_beta   90.000
_cell.angle_gamma   120.000
#
_symmetry.space_group_name_H-M   'H 3 2'
#
loop_
_entity.id
_entity.type
_entity.pdbx_description
1 polymer 'Apolipoprotein A-I-binding protein'
2 non-polymer 'SULFATE ION'
3 non-polymer NICOTINAMIDE
#
_entity_poly.entity_id   1
_entity_poly.type   'polypeptide(L)'
_entity_poly.pdbx_seq_one_letter_code
;(MSE)QQSVCRARPIWWGTQRRGSET(MSE)AGAAVKYLSQEEAQAVDQELFNEYQFSVDQL(MSE)ELAGLSCATAIAK
AYPPTS(MSE)SKSPPTVLVICGPGNNGGDGLVCARHLKLFGYQPTIYYPKRPNKPLFTGLVTQCQK(MSE)DIPFLGE
(MSE)PPEP(MSE)(MSE)VDELYELVVDAIFGFSFKGDVREPFHSILSVLSGLTVPIASIDIPSGWDVEKGNPSGIQPD
LLISLTAPKKSATHFTGRYHYLGGRFVPPALEKKYQLNLPSYPDTECVYRLQHHHHHH
;
_entity_poly.pdbx_strand_id   A
#
loop_
_chem_comp.id
_chem_comp.type
_chem_comp.name
_chem_comp.formula
NCA non-polymer NICOTINAMIDE 'C6 H6 N2 O'
SO4 non-polymer 'SULFATE ION' 'O4 S -2'
#
# COMPACT_ATOMS: atom_id res chain seq x y z
N ALA A 27 -7.39 10.78 20.00
CA ALA A 27 -5.99 10.41 19.63
C ALA A 27 -5.96 8.99 19.11
N VAL A 28 -6.00 8.85 17.78
CA VAL A 28 -5.98 7.53 17.13
C VAL A 28 -4.73 6.70 17.47
N LYS A 29 -4.97 5.47 17.93
CA LYS A 29 -3.91 4.59 18.42
C LYS A 29 -3.08 4.05 17.26
N TYR A 30 -1.76 3.96 17.47
CA TYR A 30 -0.86 3.32 16.50
C TYR A 30 -0.57 1.92 17.03
N LEU A 31 -0.63 0.92 16.16
CA LEU A 31 -0.70 -0.46 16.63
C LEU A 31 0.65 -1.14 16.79
N SER A 32 0.77 -1.95 17.84
CA SER A 32 1.86 -2.90 17.95
C SER A 32 1.64 -3.96 16.90
N GLN A 33 2.72 -4.64 16.50
CA GLN A 33 2.58 -5.67 15.48
C GLN A 33 1.58 -6.75 15.90
N GLU A 34 1.67 -7.21 17.14
CA GLU A 34 0.79 -8.26 17.67
C GLU A 34 -0.65 -7.80 17.78
N GLU A 35 -0.86 -6.54 18.18
CA GLU A 35 -2.19 -5.95 18.23
C GLU A 35 -2.90 -6.08 16.89
N ALA A 36 -2.24 -5.60 15.85
CA ALA A 36 -2.80 -5.58 14.52
C ALA A 36 -3.19 -6.98 14.06
N GLN A 37 -2.28 -7.94 14.23
CA GLN A 37 -2.53 -9.30 13.76
C GLN A 37 -3.69 -9.97 14.49
N ALA A 38 -3.95 -9.55 15.72
CA ALA A 38 -5.11 -10.05 16.48
C ALA A 38 -6.39 -9.44 15.94
N VAL A 39 -6.38 -8.13 15.78
CA VAL A 39 -7.48 -7.43 15.15
C VAL A 39 -7.79 -8.01 13.79
N ASP A 40 -6.79 -8.07 12.92
CA ASP A 40 -6.90 -8.77 11.66
C ASP A 40 -7.54 -10.11 11.93
N GLN A 41 -7.05 -10.77 12.96
CA GLN A 41 -7.51 -12.10 13.32
C GLN A 41 -9.01 -12.17 13.48
N GLU A 42 -9.56 -11.21 14.21
CA GLU A 42 -10.99 -11.17 14.47
C GLU A 42 -11.81 -11.01 13.19
N LEU A 43 -11.31 -10.17 12.29
CA LEU A 43 -12.04 -9.85 11.06
C LEU A 43 -12.33 -11.09 10.23
N PHE A 44 -11.44 -12.07 10.33
CA PHE A 44 -11.58 -13.30 9.59
C PHE A 44 -12.26 -14.33 10.46
N ASN A 45 -11.99 -14.29 11.76
CA ASN A 45 -12.55 -15.26 12.71
C ASN A 45 -14.01 -14.99 13.15
N GLU A 46 -14.17 -14.03 14.07
CA GLU A 46 -15.44 -13.77 14.70
C GLU A 46 -16.40 -13.14 13.74
N TYR A 47 -15.93 -12.13 13.02
CA TYR A 47 -16.77 -11.34 12.13
C TYR A 47 -16.90 -11.93 10.74
N GLN A 48 -16.00 -12.84 10.36
CA GLN A 48 -16.11 -13.63 9.12
C GLN A 48 -16.02 -12.84 7.82
N PHE A 49 -15.21 -11.79 7.78
CA PHE A 49 -14.90 -11.15 6.52
C PHE A 49 -13.99 -12.05 5.78
N SER A 50 -14.25 -12.25 4.50
CA SER A 50 -13.36 -13.06 3.69
C SER A 50 -12.19 -12.18 3.30
N VAL A 51 -11.06 -12.80 2.97
CA VAL A 51 -9.89 -12.05 2.56
C VAL A 51 -10.19 -11.30 1.27
N ASP A 52 -10.87 -11.92 0.32
CA ASP A 52 -11.35 -11.21 -0.87
C ASP A 52 -11.87 -9.85 -0.51
N GLN A 53 -12.86 -9.83 0.38
CA GLN A 53 -13.59 -8.61 0.68
C GLN A 53 -12.68 -7.49 1.09
N LEU A 54 -11.92 -7.71 2.15
CA LEU A 54 -11.23 -6.63 2.83
C LEU A 54 -10.07 -6.15 1.99
N MSE A 55 -9.49 -7.07 1.23
CA MSE A 55 -8.43 -6.72 0.32
C MSE A 55 -8.96 -5.75 -0.71
O MSE A 55 -8.37 -4.72 -0.92
CB MSE A 55 -7.84 -7.96 -0.34
CG MSE A 55 -6.65 -7.67 -1.19
SE MSE A 55 -5.58 -9.29 -1.47
CE MSE A 55 -4.21 -9.04 -0.09
N GLU A 56 -10.09 -6.06 -1.33
CA GLU A 56 -10.66 -5.11 -2.28
C GLU A 56 -10.74 -3.70 -1.72
N LEU A 57 -11.18 -3.59 -0.48
CA LEU A 57 -11.42 -2.30 0.13
C LEU A 57 -10.13 -1.65 0.57
N ALA A 58 -9.24 -2.46 1.08
CA ALA A 58 -7.87 -2.03 1.30
C ALA A 58 -7.34 -1.39 0.03
N GLY A 59 -7.47 -2.16 -1.04
CA GLY A 59 -7.01 -1.75 -2.33
C GLY A 59 -7.74 -0.53 -2.80
N LEU A 60 -9.06 -0.49 -2.63
CA LEU A 60 -9.80 0.65 -3.12
C LEU A 60 -9.36 1.88 -2.35
N SER A 61 -9.24 1.75 -1.03
CA SER A 61 -8.76 2.85 -0.20
C SER A 61 -7.45 3.35 -0.75
N CYS A 62 -6.52 2.45 -1.02
CA CYS A 62 -5.21 2.87 -1.52
C CYS A 62 -5.34 3.75 -2.75
N ALA A 63 -5.97 3.23 -3.80
CA ALA A 63 -6.05 3.93 -5.08
C ALA A 63 -6.75 5.24 -4.80
N THR A 64 -7.77 5.23 -3.95
CA THR A 64 -8.41 6.50 -3.53
C THR A 64 -7.32 7.48 -2.97
N ALA A 65 -6.87 7.30 -1.72
CA ALA A 65 -5.71 8.07 -1.22
C ALA A 65 -4.75 8.63 -2.34
N ILE A 66 -4.24 7.74 -3.17
CA ILE A 66 -3.29 8.17 -4.20
C ILE A 66 -3.87 9.19 -5.17
N ALA A 67 -5.03 8.86 -5.73
CA ALA A 67 -5.71 9.78 -6.63
C ALA A 67 -5.94 11.12 -5.98
N LYS A 68 -6.23 11.15 -4.67
CA LYS A 68 -6.44 12.41 -3.98
C LYS A 68 -5.10 13.12 -3.83
N ALA A 69 -4.22 12.62 -2.95
CA ALA A 69 -2.80 13.06 -2.88
C ALA A 69 -2.33 13.64 -4.19
N TYR A 70 -2.20 12.79 -5.20
CA TYR A 70 -1.67 13.20 -6.49
C TYR A 70 -2.54 13.10 -7.71
N PRO A 71 -3.40 14.10 -7.89
CA PRO A 71 -4.48 14.07 -8.88
C PRO A 71 -3.92 14.18 -10.30
N PRO A 72 -4.60 13.59 -11.28
CA PRO A 72 -4.11 13.62 -12.66
C PRO A 72 -4.01 15.04 -13.20
N THR A 73 -5.02 15.87 -12.93
CA THR A 73 -4.97 17.28 -13.35
C THR A 73 -3.67 17.98 -12.91
N SER A 74 -3.22 17.67 -11.69
CA SER A 74 -2.06 18.32 -11.11
C SER A 74 -0.76 17.68 -11.60
N MSE A 75 -0.89 16.59 -12.35
CA MSE A 75 0.27 15.82 -12.83
C MSE A 75 0.85 16.33 -14.14
O MSE A 75 0.27 17.19 -14.80
CB MSE A 75 -0.13 14.36 -13.03
CG MSE A 75 -0.59 13.70 -11.76
SE MSE A 75 0.87 13.36 -10.50
CE MSE A 75 1.44 11.58 -11.21
N SER A 76 1.99 15.77 -14.50
CA SER A 76 2.83 16.30 -15.57
C SER A 76 2.70 15.52 -16.89
N LYS A 77 1.98 14.40 -16.89
CA LYS A 77 1.71 13.62 -18.11
C LYS A 77 0.26 13.18 -18.14
N SER A 78 -0.26 12.92 -19.34
CA SER A 78 -1.66 12.55 -19.50
C SER A 78 -1.78 11.36 -20.42
N PRO A 79 -2.04 10.15 -19.85
CA PRO A 79 -2.33 9.84 -18.44
C PRO A 79 -1.10 9.64 -17.54
N PRO A 80 -1.25 9.87 -16.24
CA PRO A 80 -0.16 9.82 -15.26
C PRO A 80 0.27 8.41 -14.90
N THR A 81 1.55 8.14 -15.13
CA THR A 81 2.15 6.81 -14.97
C THR A 81 2.46 6.54 -13.50
N VAL A 82 2.34 5.29 -13.09
CA VAL A 82 2.64 4.89 -11.71
C VAL A 82 3.21 3.48 -11.74
N LEU A 83 4.27 3.23 -10.97
CA LEU A 83 4.79 1.89 -10.81
C LEU A 83 4.23 1.28 -9.57
N VAL A 84 3.58 0.15 -9.71
CA VAL A 84 3.20 -0.58 -8.54
C VAL A 84 4.08 -1.82 -8.40
N ILE A 85 4.80 -1.84 -7.26
CA ILE A 85 5.76 -2.87 -6.94
C ILE A 85 5.15 -3.76 -5.88
N CYS A 86 4.71 -4.95 -6.30
CA CYS A 86 3.99 -5.87 -5.43
C CYS A 86 4.85 -7.02 -4.94
N GLY A 87 4.94 -7.17 -3.62
CA GLY A 87 5.70 -8.27 -3.00
C GLY A 87 4.91 -9.57 -2.98
N PRO A 88 5.43 -10.58 -2.27
CA PRO A 88 4.89 -11.94 -2.29
C PRO A 88 3.65 -12.21 -1.41
N GLY A 89 3.50 -11.47 -0.31
CA GLY A 89 2.36 -11.65 0.60
C GLY A 89 1.20 -10.77 0.17
N ASN A 90 0.34 -10.45 1.15
CA ASN A 90 -0.84 -9.57 1.01
C ASN A 90 -0.68 -8.13 0.53
N ASN A 91 0.36 -7.47 1.02
CA ASN A 91 0.70 -6.12 0.54
C ASN A 91 0.68 -6.13 -0.98
N GLY A 92 1.37 -7.10 -1.56
CA GLY A 92 1.29 -7.33 -2.98
C GLY A 92 -0.14 -7.30 -3.44
N GLY A 93 -0.98 -8.06 -2.75
CA GLY A 93 -2.41 -8.13 -3.07
C GLY A 93 -3.04 -6.76 -3.15
N ASP A 94 -3.06 -6.06 -2.03
CA ASP A 94 -3.59 -4.71 -1.99
C ASP A 94 -3.04 -3.96 -3.20
N GLY A 95 -1.74 -4.10 -3.41
CA GLY A 95 -1.06 -3.46 -4.51
C GLY A 95 -1.74 -3.70 -5.82
N LEU A 96 -2.03 -4.96 -6.11
CA LEU A 96 -2.62 -5.31 -7.40
C LEU A 96 -4.00 -4.73 -7.58
N VAL A 97 -4.81 -4.81 -6.52
CA VAL A 97 -6.12 -4.19 -6.51
C VAL A 97 -5.84 -2.74 -6.86
N CYS A 98 -4.98 -2.13 -6.07
CA CYS A 98 -4.80 -0.72 -6.15
C CYS A 98 -4.47 -0.34 -7.58
N ALA A 99 -3.61 -1.10 -8.19
CA ALA A 99 -3.25 -0.84 -9.58
C ALA A 99 -4.52 -0.65 -10.42
N ARG A 100 -5.29 -1.73 -10.47
CA ARG A 100 -6.54 -1.80 -11.22
C ARG A 100 -7.53 -0.66 -10.93
N HIS A 101 -7.77 -0.30 -9.67
CA HIS A 101 -8.63 0.85 -9.37
C HIS A 101 -8.04 2.17 -9.89
N LEU A 102 -6.72 2.26 -9.85
CA LEU A 102 -6.04 3.45 -10.26
C LEU A 102 -6.12 3.51 -11.78
N LYS A 103 -6.13 2.37 -12.46
CA LYS A 103 -6.39 2.45 -13.89
C LYS A 103 -7.74 3.10 -14.11
N LEU A 104 -8.71 2.65 -13.30
CA LEU A 104 -10.08 3.06 -13.43
C LEU A 104 -10.13 4.53 -13.12
N PHE A 105 -9.30 4.95 -12.15
CA PHE A 105 -9.28 6.34 -11.75
C PHE A 105 -8.59 7.27 -12.73
N GLY A 106 -8.00 6.71 -13.79
CA GLY A 106 -7.43 7.52 -14.85
C GLY A 106 -5.93 7.42 -14.97
N TYR A 107 -5.31 6.65 -14.09
CA TYR A 107 -3.87 6.42 -14.13
C TYR A 107 -3.44 5.38 -15.17
N GLN A 108 -2.15 5.39 -15.49
CA GLN A 108 -1.57 4.45 -16.45
C GLN A 108 -0.51 3.63 -15.73
N PRO A 109 -0.95 2.75 -14.82
CA PRO A 109 -0.01 1.98 -14.04
C PRO A 109 0.69 0.86 -14.81
N THR A 110 1.89 0.52 -14.32
CA THR A 110 2.64 -0.65 -14.69
C THR A 110 2.88 -1.41 -13.37
N ILE A 111 2.84 -2.74 -13.42
CA ILE A 111 3.07 -3.54 -12.21
C ILE A 111 4.31 -4.40 -12.34
N TYR A 112 5.18 -4.36 -11.34
CA TYR A 112 6.27 -5.34 -11.25
C TYR A 112 5.99 -6.24 -10.06
N TYR A 113 5.84 -7.56 -10.34
CA TYR A 113 5.36 -8.53 -9.34
C TYR A 113 6.27 -9.77 -9.28
N PRO A 114 7.47 -9.62 -8.69
CA PRO A 114 8.50 -10.63 -8.92
C PRO A 114 8.11 -11.98 -8.33
N LYS A 115 7.87 -12.05 -7.03
CA LYS A 115 7.56 -13.34 -6.41
C LYS A 115 6.05 -13.50 -6.18
N ARG A 116 5.44 -14.36 -7.00
CA ARG A 116 3.98 -14.56 -7.04
C ARG A 116 3.59 -15.91 -6.45
N PRO A 117 2.80 -15.92 -5.37
CA PRO A 117 2.43 -17.24 -4.85
C PRO A 117 1.37 -17.89 -5.72
N ASN A 118 1.38 -19.23 -5.80
CA ASN A 118 0.47 -19.95 -6.67
C ASN A 118 -0.85 -20.26 -5.96
N LYS A 119 -1.69 -19.23 -5.80
CA LYS A 119 -2.99 -19.36 -5.14
C LYS A 119 -4.05 -18.57 -5.91
N PRO A 120 -5.29 -19.07 -5.95
CA PRO A 120 -6.30 -18.54 -6.86
C PRO A 120 -6.55 -17.05 -6.65
N LEU A 121 -6.48 -16.62 -5.40
CA LEU A 121 -6.63 -15.21 -5.03
C LEU A 121 -5.72 -14.32 -5.85
N PHE A 122 -4.43 -14.63 -5.78
CA PHE A 122 -3.38 -13.81 -6.38
C PHE A 122 -3.38 -14.03 -7.89
N THR A 123 -3.58 -15.29 -8.26
CA THR A 123 -3.88 -15.66 -9.63
C THR A 123 -4.96 -14.77 -10.19
N GLY A 124 -6.06 -14.65 -9.43
CA GLY A 124 -7.22 -13.94 -9.89
C GLY A 124 -6.91 -12.48 -10.11
N LEU A 125 -6.31 -11.87 -9.10
CA LEU A 125 -5.99 -10.46 -9.16
C LEU A 125 -5.04 -10.18 -10.32
N VAL A 126 -4.03 -11.01 -10.51
CA VAL A 126 -3.14 -10.83 -11.64
C VAL A 126 -3.96 -10.73 -12.90
N THR A 127 -4.71 -11.78 -13.17
CA THR A 127 -5.40 -11.88 -14.42
C THR A 127 -6.37 -10.72 -14.54
N GLN A 128 -6.95 -10.25 -13.45
CA GLN A 128 -7.80 -9.06 -13.53
C GLN A 128 -6.99 -7.92 -14.14
N CYS A 129 -5.91 -7.56 -13.43
CA CYS A 129 -4.97 -6.58 -13.94
C CYS A 129 -4.60 -6.78 -15.41
N GLN A 130 -4.45 -8.02 -15.85
CA GLN A 130 -3.97 -8.32 -17.21
C GLN A 130 -4.99 -7.92 -18.27
N LYS A 131 -6.23 -8.37 -18.09
CA LYS A 131 -7.37 -7.90 -18.90
C LYS A 131 -7.82 -6.46 -18.53
N MSE A 132 -6.98 -5.71 -17.82
CA MSE A 132 -7.13 -4.28 -17.78
C MSE A 132 -6.08 -3.63 -18.68
O MSE A 132 -5.89 -2.44 -18.63
CB MSE A 132 -6.95 -3.73 -16.36
CG MSE A 132 -7.85 -4.29 -15.24
SE MSE A 132 -9.60 -3.42 -15.11
CE MSE A 132 -9.13 -1.52 -15.03
N ASP A 133 -5.39 -4.41 -19.51
CA ASP A 133 -4.23 -3.89 -20.28
C ASP A 133 -3.24 -3.15 -19.39
N ILE A 134 -2.92 -3.79 -18.29
CA ILE A 134 -1.98 -3.23 -17.34
C ILE A 134 -0.75 -4.01 -17.68
N PRO A 135 0.31 -3.29 -17.95
CA PRO A 135 1.57 -3.96 -18.12
C PRO A 135 2.15 -4.54 -16.85
N PHE A 136 2.73 -5.72 -16.96
CA PHE A 136 3.68 -6.24 -16.00
C PHE A 136 5.12 -6.19 -16.56
N LEU A 137 6.02 -5.73 -15.70
CA LEU A 137 7.43 -5.72 -16.04
C LEU A 137 8.07 -7.05 -15.65
N GLY A 138 8.99 -7.51 -16.49
CA GLY A 138 9.74 -8.71 -16.23
C GLY A 138 10.95 -8.45 -15.36
N GLU A 139 11.32 -7.19 -15.18
CA GLU A 139 12.49 -6.86 -14.39
C GLU A 139 12.43 -5.45 -13.91
N MSE A 140 13.17 -5.18 -12.85
CA MSE A 140 13.26 -3.85 -12.31
C MSE A 140 14.29 -3.09 -13.09
O MSE A 140 15.41 -3.58 -13.22
CB MSE A 140 13.72 -3.90 -10.87
CG MSE A 140 13.70 -2.56 -10.21
SE MSE A 140 11.87 -2.10 -9.73
CE MSE A 140 12.25 -0.46 -8.73
N PRO A 141 13.97 -1.88 -13.59
CA PRO A 141 15.08 -1.08 -14.15
C PRO A 141 16.11 -0.77 -13.06
N PRO A 142 17.39 -0.77 -13.43
CA PRO A 142 18.45 -0.93 -12.44
C PRO A 142 18.82 0.33 -11.67
N GLU A 143 18.78 1.48 -12.34
CA GLU A 143 19.14 2.76 -11.71
C GLU A 143 17.94 3.66 -11.55
N PRO A 144 17.87 4.37 -10.40
CA PRO A 144 16.65 5.09 -10.05
C PRO A 144 16.33 6.18 -11.06
N MSE A 145 17.34 6.67 -11.73
CA MSE A 145 17.14 7.70 -12.70
C MSE A 145 16.20 7.23 -13.84
O MSE A 145 15.35 7.99 -14.32
CB MSE A 145 18.48 8.18 -13.25
CG MSE A 145 18.43 9.62 -13.66
SE MSE A 145 19.74 10.04 -15.02
CE MSE A 145 19.23 8.57 -16.27
N MSE A 146 16.29 5.97 -14.24
CA MSE A 146 15.40 5.50 -15.27
C MSE A 146 13.98 5.29 -14.79
O MSE A 146 13.01 5.49 -15.54
CB MSE A 146 15.89 4.20 -15.76
CG MSE A 146 17.30 4.30 -16.20
SE MSE A 146 17.62 2.63 -17.05
CE MSE A 146 15.88 2.48 -18.03
N VAL A 147 13.86 4.88 -13.53
CA VAL A 147 12.58 4.79 -12.89
C VAL A 147 11.96 6.16 -12.89
N ASP A 148 12.67 7.12 -12.31
CA ASP A 148 12.19 8.49 -12.25
C ASP A 148 11.70 8.94 -13.61
N GLU A 149 12.45 8.56 -14.65
CA GLU A 149 12.12 8.96 -16.01
C GLU A 149 10.88 8.28 -16.61
N LEU A 150 10.49 7.12 -16.10
CA LEU A 150 9.40 6.38 -16.74
C LEU A 150 8.13 6.38 -15.93
N TYR A 151 8.19 6.84 -14.67
CA TYR A 151 7.04 6.75 -13.77
C TYR A 151 6.98 7.96 -12.85
N GLU A 152 5.80 8.52 -12.65
CA GLU A 152 5.69 9.74 -11.87
C GLU A 152 5.48 9.48 -10.39
N LEU A 153 5.26 8.23 -10.04
CA LEU A 153 4.86 7.90 -8.73
C LEU A 153 5.07 6.40 -8.64
N VAL A 154 5.65 5.95 -7.53
CA VAL A 154 5.96 4.54 -7.35
C VAL A 154 5.19 4.08 -6.14
N VAL A 155 4.38 3.05 -6.30
CA VAL A 155 3.64 2.52 -5.18
C VAL A 155 4.41 1.34 -4.62
N ASP A 156 4.70 1.40 -3.33
CA ASP A 156 5.41 0.34 -2.64
C ASP A 156 4.46 -0.70 -2.07
N ALA A 157 4.23 -1.77 -2.85
CA ALA A 157 3.38 -2.91 -2.41
C ALA A 157 4.17 -4.16 -1.97
N ILE A 158 5.33 -3.97 -1.34
CA ILE A 158 6.22 -5.10 -1.04
C ILE A 158 5.92 -5.83 0.29
N PHE A 159 6.21 -5.20 1.42
CA PHE A 159 6.07 -5.83 2.72
C PHE A 159 5.18 -5.05 3.63
N GLY A 160 4.30 -5.75 4.36
CA GLY A 160 3.41 -5.14 5.33
C GLY A 160 3.71 -5.59 6.75
N PHE A 161 3.02 -5.00 7.73
CA PHE A 161 3.19 -5.29 9.17
C PHE A 161 3.80 -6.66 9.56
N SER A 162 3.19 -7.75 9.11
CA SER A 162 3.54 -9.11 9.55
C SER A 162 4.96 -9.54 9.18
N PHE A 163 5.59 -8.80 8.28
CA PHE A 163 6.95 -9.09 7.86
C PHE A 163 7.92 -8.95 9.04
N LYS A 164 9.00 -9.74 9.01
CA LYS A 164 9.93 -9.84 10.14
C LYS A 164 11.37 -9.94 9.66
N GLY A 165 11.80 -8.96 8.89
CA GLY A 165 13.19 -8.86 8.42
C GLY A 165 13.59 -9.93 7.43
N ASP A 166 14.89 -9.98 7.17
CA ASP A 166 15.46 -10.91 6.20
C ASP A 166 14.97 -10.56 4.81
N VAL A 167 15.20 -9.32 4.40
CA VAL A 167 14.81 -8.91 3.05
C VAL A 167 15.67 -9.69 2.07
N ARG A 168 15.10 -10.75 1.51
CA ARG A 168 15.80 -11.54 0.50
C ARG A 168 15.76 -10.83 -0.86
N GLU A 169 16.70 -11.17 -1.73
CA GLU A 169 16.63 -10.68 -3.10
C GLU A 169 15.30 -11.15 -3.70
N PRO A 170 14.79 -10.45 -4.73
CA PRO A 170 15.36 -9.28 -5.41
C PRO A 170 15.00 -7.99 -4.69
N PHE A 171 14.39 -8.11 -3.51
CA PHE A 171 13.77 -6.99 -2.85
C PHE A 171 14.78 -6.01 -2.28
N HIS A 172 15.75 -6.51 -1.53
CA HIS A 172 16.83 -5.64 -1.11
C HIS A 172 17.25 -4.76 -2.30
N SER A 173 17.45 -5.38 -3.45
CA SER A 173 17.93 -4.66 -4.63
C SER A 173 16.94 -3.62 -5.15
N ILE A 174 15.66 -3.91 -4.99
CA ILE A 174 14.69 -2.96 -5.42
C ILE A 174 14.61 -1.87 -4.39
N LEU A 175 14.39 -2.23 -3.12
CA LEU A 175 14.48 -1.26 -2.02
C LEU A 175 15.65 -0.33 -2.18
N SER A 176 16.78 -0.92 -2.56
CA SER A 176 18.00 -0.16 -2.79
C SER A 176 17.75 0.93 -3.84
N VAL A 177 17.26 0.52 -5.03
CA VAL A 177 16.93 1.48 -6.08
C VAL A 177 15.95 2.49 -5.55
N LEU A 178 14.93 2.02 -4.85
CA LEU A 178 13.80 2.87 -4.49
C LEU A 178 14.25 4.09 -3.72
N SER A 179 14.99 3.90 -2.65
CA SER A 179 15.40 5.04 -1.81
C SER A 179 16.39 5.96 -2.56
N GLY A 180 16.70 5.65 -3.82
CA GLY A 180 17.48 6.55 -4.68
C GLY A 180 16.66 7.46 -5.56
N LEU A 181 15.34 7.34 -5.47
CA LEU A 181 14.45 8.04 -6.40
C LEU A 181 14.22 9.51 -6.06
N THR A 182 14.02 10.28 -7.11
CA THR A 182 13.58 11.67 -7.04
C THR A 182 12.09 11.73 -6.82
N VAL A 183 11.38 10.99 -7.67
CA VAL A 183 9.93 10.95 -7.68
C VAL A 183 9.45 10.31 -6.38
N PRO A 184 8.19 10.57 -6.03
CA PRO A 184 7.66 10.15 -4.74
C PRO A 184 7.17 8.71 -4.74
N ILE A 185 7.18 8.12 -3.54
CA ILE A 185 6.76 6.75 -3.30
C ILE A 185 5.54 6.80 -2.43
N ALA A 186 4.54 5.99 -2.78
CA ALA A 186 3.34 5.78 -1.95
C ALA A 186 3.42 4.41 -1.29
N SER A 187 3.47 4.36 0.04
CA SER A 187 3.56 3.07 0.71
C SER A 187 2.20 2.62 1.25
N ILE A 188 1.93 1.32 1.12
CA ILE A 188 0.68 0.75 1.54
C ILE A 188 0.93 0.14 2.89
N ASP A 189 0.30 0.69 3.92
CA ASP A 189 0.35 0.13 5.29
C ASP A 189 1.69 0.41 5.94
N ILE A 190 2.77 0.03 5.25
CA ILE A 190 4.13 0.21 5.76
C ILE A 190 5.16 0.54 4.67
N PRO A 191 6.08 1.46 4.97
CA PRO A 191 7.23 1.54 4.10
C PRO A 191 7.97 0.22 4.19
N SER A 192 7.94 -0.52 3.10
CA SER A 192 8.62 -1.80 3.06
C SER A 192 10.07 -1.68 3.61
N GLY A 193 10.43 -2.59 4.51
CA GLY A 193 11.78 -2.62 5.07
C GLY A 193 12.00 -1.68 6.24
N TRP A 194 10.95 -0.99 6.67
CA TRP A 194 10.98 -0.31 7.94
C TRP A 194 10.60 -1.37 8.92
N ASP A 195 11.46 -1.56 9.91
CA ASP A 195 11.13 -2.38 11.06
C ASP A 195 9.81 -1.86 11.60
N VAL A 196 8.75 -2.66 11.44
CA VAL A 196 7.32 -2.25 11.64
C VAL A 196 7.02 -1.34 12.86
N GLU A 197 7.87 -1.44 13.89
CA GLU A 197 7.83 -0.55 15.04
C GLU A 197 8.95 0.51 14.94
N LYS A 198 10.19 0.05 14.74
CA LYS A 198 11.34 0.97 14.73
C LYS A 198 11.21 2.01 13.66
N GLY A 199 10.58 1.63 12.55
CA GLY A 199 10.76 2.35 11.31
C GLY A 199 12.19 2.07 10.85
N ASN A 200 12.82 3.08 10.28
CA ASN A 200 14.17 2.92 9.75
C ASN A 200 14.68 4.30 9.34
N PRO A 201 15.63 4.85 10.13
CA PRO A 201 16.13 6.18 9.82
C PRO A 201 16.67 6.27 8.41
N SER A 202 17.31 5.18 7.97
CA SER A 202 18.06 5.13 6.74
C SER A 202 17.34 4.35 5.64
N GLY A 203 16.02 4.15 5.80
CA GLY A 203 15.23 3.33 4.86
C GLY A 203 14.82 4.04 3.58
N ILE A 204 13.62 3.73 3.09
CA ILE A 204 13.04 4.55 2.04
C ILE A 204 12.14 5.52 2.77
N GLN A 205 12.01 6.73 2.21
CA GLN A 205 11.25 7.79 2.86
C GLN A 205 10.13 8.20 1.91
N PRO A 206 9.02 7.47 1.96
CA PRO A 206 7.94 7.65 1.02
C PRO A 206 7.15 8.92 1.32
N ASP A 207 6.51 9.46 0.28
CA ASP A 207 5.85 10.74 0.37
C ASP A 207 4.38 10.61 0.80
N LEU A 208 3.77 9.47 0.52
CA LEU A 208 2.44 9.18 0.98
C LEU A 208 2.45 7.83 1.63
N LEU A 209 1.86 7.74 2.80
CA LEU A 209 1.75 6.50 3.51
C LEU A 209 0.29 6.24 3.77
N ILE A 210 -0.25 5.21 3.11
CA ILE A 210 -1.64 4.81 3.34
C ILE A 210 -1.70 3.74 4.45
N SER A 211 -1.96 4.18 5.67
CA SER A 211 -2.16 3.25 6.77
C SER A 211 -3.50 2.55 6.53
N LEU A 212 -3.52 1.21 6.56
CA LEU A 212 -4.76 0.43 6.36
C LEU A 212 -5.28 -0.03 7.70
N THR A 213 -6.60 0.03 7.88
CA THR A 213 -7.28 -0.46 9.09
C THR A 213 -7.01 0.43 10.31
N ALA A 214 -5.79 0.38 10.81
CA ALA A 214 -5.30 1.35 11.79
C ALA A 214 -3.87 1.64 11.40
N PRO A 215 -3.33 2.75 11.89
CA PRO A 215 -1.93 3.05 11.67
C PRO A 215 -1.04 2.23 12.61
N LYS A 216 0.23 2.14 12.25
CA LYS A 216 1.18 1.23 12.88
C LYS A 216 2.23 2.04 13.62
N LYS A 217 2.76 1.51 14.72
CA LYS A 217 3.74 2.24 15.50
C LYS A 217 4.76 3.00 14.61
N SER A 218 5.30 2.34 13.58
CA SER A 218 6.32 2.97 12.71
C SER A 218 5.85 4.29 12.11
N ALA A 219 4.56 4.35 11.79
CA ALA A 219 3.95 5.53 11.18
C ALA A 219 4.20 6.82 11.96
N THR A 220 4.69 6.71 13.19
CA THR A 220 5.16 7.88 13.92
C THR A 220 6.52 8.40 13.39
N HIS A 221 7.31 7.53 12.77
CA HIS A 221 8.56 7.98 12.16
C HIS A 221 8.31 8.59 10.78
N PHE A 222 7.06 8.66 10.35
CA PHE A 222 6.74 9.09 8.99
C PHE A 222 7.00 10.59 8.79
N THR A 223 7.71 10.87 7.70
CA THR A 223 8.30 12.17 7.46
C THR A 223 7.56 12.97 6.39
N GLY A 224 7.03 12.29 5.38
CA GLY A 224 6.45 12.94 4.20
C GLY A 224 5.11 13.64 4.37
N ARG A 225 4.50 14.00 3.23
CA ARG A 225 3.46 15.05 3.16
C ARG A 225 2.01 14.56 3.20
N TYR A 226 1.78 13.26 3.09
CA TYR A 226 0.42 12.74 3.09
C TYR A 226 0.38 11.46 3.89
N HIS A 227 -0.54 11.39 4.84
CA HIS A 227 -0.76 10.17 5.60
C HIS A 227 -2.23 9.92 5.76
N TYR A 228 -2.76 9.24 4.76
CA TYR A 228 -4.14 8.80 4.78
C TYR A 228 -4.29 7.52 5.55
N LEU A 229 -5.43 7.42 6.24
CA LEU A 229 -5.91 6.18 6.84
C LEU A 229 -7.01 5.59 5.97
N GLY A 230 -7.10 4.26 5.91
CA GLY A 230 -8.01 3.54 4.99
C GLY A 230 -8.53 2.20 5.50
N GLY A 231 -9.36 1.55 4.72
CA GLY A 231 -10.08 0.38 5.19
C GLY A 231 -11.30 0.77 6.04
N ARG A 232 -12.27 1.41 5.41
CA ARG A 232 -13.54 1.64 6.07
C ARG A 232 -14.30 0.30 6.19
N PHE A 233 -13.92 -0.48 7.21
CA PHE A 233 -14.67 -1.69 7.56
C PHE A 233 -14.63 -2.08 9.03
N VAL A 234 -13.88 -1.35 9.84
CA VAL A 234 -13.89 -1.64 11.27
C VAL A 234 -15.29 -1.56 11.87
N PRO A 235 -15.73 -2.66 12.47
CA PRO A 235 -16.94 -2.58 13.24
C PRO A 235 -16.69 -1.83 14.53
N PRO A 236 -17.52 -0.86 14.86
CA PRO A 236 -17.38 -0.09 16.11
C PRO A 236 -17.09 -0.91 17.40
N ALA A 237 -17.60 -2.15 17.47
CA ALA A 237 -17.24 -3.09 18.55
C ALA A 237 -15.75 -3.37 18.53
N LEU A 238 -15.21 -3.56 17.33
CA LEU A 238 -13.78 -3.80 17.19
C LEU A 238 -13.03 -2.52 17.57
N GLU A 239 -13.57 -1.38 17.18
CA GLU A 239 -12.95 -0.07 17.43
C GLU A 239 -12.94 0.23 18.93
N LYS A 240 -14.05 -0.03 19.60
CA LYS A 240 -14.10 0.14 21.05
C LYS A 240 -13.26 -0.93 21.76
N LYS A 241 -13.10 -2.10 21.11
CA LYS A 241 -12.34 -3.20 21.74
C LYS A 241 -10.91 -2.76 21.87
N TYR A 242 -10.26 -2.61 20.73
CA TYR A 242 -8.87 -2.21 20.69
C TYR A 242 -8.82 -0.69 20.71
N GLN A 243 -9.50 -0.10 21.71
CA GLN A 243 -9.70 1.36 21.85
C GLN A 243 -8.88 2.18 20.83
N LEU A 244 -9.39 2.18 19.60
CA LEU A 244 -8.70 2.75 18.44
C LEU A 244 -8.94 4.24 18.30
N ASN A 245 -10.06 4.74 18.84
CA ASN A 245 -10.46 6.12 18.65
C ASN A 245 -10.28 6.45 17.19
N LEU A 246 -10.99 5.75 16.32
CA LEU A 246 -10.80 6.06 14.91
C LEU A 246 -11.36 7.44 14.61
N PRO A 247 -10.71 8.18 13.69
CA PRO A 247 -11.31 9.39 13.19
C PRO A 247 -12.53 9.02 12.39
N SER A 248 -13.50 9.91 12.41
CA SER A 248 -14.68 9.73 11.60
C SER A 248 -14.28 10.00 10.17
N TYR A 249 -14.52 9.03 9.28
CA TYR A 249 -14.39 9.31 7.87
C TYR A 249 -15.52 10.28 7.52
N PRO A 250 -15.29 11.19 6.57
CA PRO A 250 -16.31 12.14 6.14
C PRO A 250 -17.35 11.49 5.23
N ASP A 251 -18.62 11.84 5.41
CA ASP A 251 -19.68 11.37 4.53
C ASP A 251 -19.41 9.90 4.14
N THR A 252 -19.20 9.62 2.84
CA THR A 252 -19.10 8.27 2.34
C THR A 252 -17.70 7.92 1.87
N GLU A 253 -16.70 8.61 2.40
CA GLU A 253 -15.35 8.39 1.94
C GLU A 253 -14.79 7.13 2.55
N CYS A 254 -13.82 6.53 1.86
CA CYS A 254 -13.07 5.38 2.37
C CYS A 254 -11.60 5.74 2.72
N VAL A 255 -11.33 7.03 2.99
CA VAL A 255 -9.97 7.51 3.33
C VAL A 255 -10.10 8.80 4.10
N TYR A 256 -9.15 9.05 4.99
CA TYR A 256 -9.09 10.28 5.80
C TYR A 256 -7.65 10.77 5.75
N ARG A 257 -7.44 12.06 5.50
CA ARG A 257 -6.11 12.66 5.62
C ARG A 257 -5.83 12.96 7.08
N LEU A 258 -4.63 12.67 7.55
CA LEU A 258 -4.26 12.95 8.94
C LEU A 258 -3.66 14.36 9.16
N GLN A 259 -3.50 14.72 10.44
CA GLN A 259 -3.14 16.07 10.89
C GLN A 259 -4.04 17.18 10.32
S SO4 B . 2.03 -8.54 3.89
O1 SO4 B . 3.16 -8.34 2.99
O2 SO4 B . 2.45 -8.34 5.28
O3 SO4 B . 1.55 -9.90 3.70
O4 SO4 B . 0.95 -7.59 3.60
N1 NCA C . -5.13 -4.35 7.13
C2 NCA C . -5.01 -4.71 5.84
C3 NCA C . -5.92 -5.62 5.30
C4 NCA C . -6.94 -6.16 6.09
C5 NCA C . -7.04 -5.77 7.42
C6 NCA C . -6.11 -4.86 7.91
C7 NCA C . -5.82 -6.08 3.88
O7 NCA C . -6.84 -6.39 3.30
N7 NCA C . -4.63 -6.16 3.30
#